data_5BNF
#
_entry.id   5BNF
#
_cell.length_a   69.541
_cell.length_b   103.856
_cell.length_c   63.689
_cell.angle_alpha   90.000
_cell.angle_beta   90.000
_cell.angle_gamma   90.000
#
_symmetry.space_group_name_H-M   'P 21 21 2'
#
loop_
_entity.id
_entity.type
_entity.pdbx_description
1 polymer 'Uncharacterized protein'
2 water water
#
_entity_poly.entity_id   1
_entity_poly.type   'polypeptide(L)'
_entity_poly.pdbx_seq_one_letter_code
;WNGKGSTVDFQEIILRRCYTYIRVVQPELGDRDCQKIKKAFTDAFISKDPCSAREEDYDLLMKLGHQTVPCDKTVFWSKT
KELAHQYTKTQKGLFTLENTLLGYIADDLSWCGKVGSSEINLESCPDRRNCNSNFVSVFWNLLSKRFAENACGMVQVFLN
GSISNAFDKTSTFGRVEVHSLQPSKVHTLKAWVIHDSGKTPRDTCSGSSINELQLILRGKNIKFTCQENYRP
;
_entity_poly.pdbx_strand_id   A,B
#
# COMPACT_ATOMS: atom_id res chain seq x y z
N TRP A 1 -3.74 11.37 17.66
CA TRP A 1 -2.92 10.28 17.04
C TRP A 1 -1.63 10.09 17.79
N ASN A 2 -0.86 9.08 17.37
CA ASN A 2 0.40 8.75 18.00
C ASN A 2 1.61 9.44 17.38
N GLY A 3 1.45 9.90 16.14
CA GLY A 3 2.58 10.53 15.47
C GLY A 3 2.75 12.02 15.75
N LYS A 4 3.94 12.51 15.44
CA LYS A 4 4.28 13.92 15.61
C LYS A 4 3.31 14.81 14.86
N GLY A 5 2.97 15.95 15.48
CA GLY A 5 2.09 16.89 14.83
C GLY A 5 2.90 17.57 13.75
N SER A 6 2.21 18.30 12.86
CA SER A 6 2.89 18.98 11.78
C SER A 6 4.00 19.88 12.28
N THR A 7 5.03 20.06 11.48
CA THR A 7 6.14 20.91 11.86
C THR A 7 5.65 22.35 11.79
N VAL A 8 5.85 23.11 12.86
CA VAL A 8 5.43 24.50 12.88
C VAL A 8 6.08 25.25 11.73
N ASP A 9 5.33 26.19 11.15
CA ASP A 9 5.83 26.99 10.03
C ASP A 9 6.20 26.10 8.86
N PHE A 10 5.54 24.95 8.80
CA PHE A 10 5.78 23.98 7.74
C PHE A 10 5.91 24.65 6.37
N GLN A 11 4.95 25.49 6.04
CA GLN A 11 4.94 26.18 4.75
C GLN A 11 6.20 27.00 4.48
N GLU A 12 6.56 27.84 5.43
CA GLU A 12 7.73 28.69 5.31
C GLU A 12 8.99 27.86 5.13
N ILE A 13 9.09 26.80 5.93
CA ILE A 13 10.25 25.92 5.88
C ILE A 13 10.51 25.30 4.52
N ILE A 14 9.50 24.67 3.93
CA ILE A 14 9.70 24.04 2.63
C ILE A 14 9.93 25.07 1.54
N LEU A 15 9.40 26.27 1.71
CA LEU A 15 9.59 27.31 0.71
C LEU A 15 11.06 27.69 0.72
N ARG A 16 11.59 27.96 1.91
CA ARG A 16 12.99 28.33 2.05
C ARG A 16 13.89 27.24 1.48
N ARG A 17 13.79 26.06 2.06
CA ARG A 17 14.58 24.92 1.63
C ARG A 17 14.62 24.76 0.13
N CYS A 18 13.45 24.80 -0.49
CA CYS A 18 13.38 24.66 -1.95
C CYS A 18 14.28 25.66 -2.68
N TYR A 19 14.16 26.94 -2.35
CA TYR A 19 15.00 27.93 -3.01
C TYR A 19 16.47 27.63 -2.75
N THR A 20 16.84 27.50 -1.49
CA THR A 20 18.23 27.20 -1.15
C THR A 20 18.77 26.03 -1.99
N TYR A 21 17.88 25.14 -2.40
CA TYR A 21 18.28 23.99 -3.20
C TYR A 21 18.56 24.33 -4.66
N ILE A 22 17.66 25.07 -5.28
CA ILE A 22 17.81 25.41 -6.70
C ILE A 22 18.76 26.55 -7.03
N ARG A 23 19.28 27.23 -6.01
CA ARG A 23 20.19 28.33 -6.27
C ARG A 23 21.58 28.03 -5.74
N VAL A 24 21.66 27.07 -4.83
CA VAL A 24 22.94 26.72 -4.24
C VAL A 24 23.29 25.24 -4.28
N VAL A 25 22.43 24.40 -3.70
CA VAL A 25 22.69 22.96 -3.67
C VAL A 25 22.90 22.38 -5.07
N GLN A 26 21.98 22.67 -5.97
CA GLN A 26 22.07 22.18 -7.33
C GLN A 26 21.64 23.32 -8.25
N PRO A 27 22.50 24.34 -8.41
CA PRO A 27 22.16 25.46 -9.29
C PRO A 27 21.64 24.90 -10.60
N GLU A 28 22.08 23.66 -10.88
CA GLU A 28 21.69 22.93 -12.07
C GLU A 28 20.19 23.01 -12.32
N LEU A 29 19.42 23.22 -11.24
CA LEU A 29 17.97 23.26 -11.33
C LEU A 29 17.32 24.60 -10.95
N GLY A 30 18.03 25.71 -11.16
CA GLY A 30 17.46 27.00 -10.81
C GLY A 30 16.28 27.38 -11.69
N ASP A 31 15.98 26.53 -12.66
CA ASP A 31 14.88 26.75 -13.59
C ASP A 31 13.51 26.42 -13.00
N ARG A 32 13.51 25.71 -11.87
CA ARG A 32 12.29 25.32 -11.19
C ARG A 32 11.72 26.45 -10.33
N ASP A 33 10.42 26.40 -10.06
CA ASP A 33 9.75 27.41 -9.24
C ASP A 33 9.32 26.87 -7.88
N CYS A 34 9.89 27.43 -6.82
CA CYS A 34 9.60 26.99 -5.47
C CYS A 34 8.19 27.22 -4.94
N GLN A 35 7.61 28.39 -5.23
CA GLN A 35 6.25 28.68 -4.76
C GLN A 35 5.27 27.67 -5.37
N LYS A 36 5.51 27.30 -6.62
CA LYS A 36 4.64 26.35 -7.31
C LYS A 36 4.72 25.02 -6.57
N ILE A 37 5.93 24.62 -6.21
CA ILE A 37 6.16 23.37 -5.50
C ILE A 37 5.43 23.38 -4.16
N LYS A 38 5.69 24.41 -3.35
CA LYS A 38 5.07 24.55 -2.04
C LYS A 38 3.56 24.44 -2.12
N LYS A 39 2.98 25.01 -3.17
CA LYS A 39 1.53 24.97 -3.35
C LYS A 39 1.08 23.54 -3.55
N ALA A 40 1.80 22.81 -4.39
CA ALA A 40 1.48 21.41 -4.68
C ALA A 40 1.61 20.52 -3.44
N PHE A 41 2.69 20.71 -2.71
CA PHE A 41 2.93 19.93 -1.51
C PHE A 41 1.71 20.11 -0.61
N THR A 42 1.46 21.35 -0.23
CA THR A 42 0.34 21.71 0.63
C THR A 42 -1.02 21.28 0.09
N ASP A 43 -1.26 21.52 -1.19
CA ASP A 43 -2.53 21.15 -1.81
C ASP A 43 -2.80 19.66 -1.72
N ALA A 44 -1.74 18.89 -1.65
CA ALA A 44 -1.82 17.44 -1.59
C ALA A 44 -2.44 16.87 -0.32
N PHE A 45 -2.34 17.59 0.79
CA PHE A 45 -2.84 17.06 2.05
C PHE A 45 -3.75 17.97 2.88
N ILE A 46 -3.57 19.27 2.75
CA ILE A 46 -4.36 20.24 3.49
C ILE A 46 -5.86 19.95 3.40
N SER A 47 -6.53 20.09 4.53
CA SER A 47 -7.97 19.87 4.64
C SER A 47 -8.45 18.49 4.18
N LYS A 48 -7.59 17.49 4.30
CA LYS A 48 -7.95 16.13 3.93
C LYS A 48 -7.82 15.19 5.13
N ASP A 49 -8.58 14.10 5.09
CA ASP A 49 -8.54 13.11 6.16
C ASP A 49 -7.09 12.63 6.20
N PRO A 50 -6.40 12.79 7.35
CA PRO A 50 -5.01 12.37 7.46
C PRO A 50 -4.72 10.88 7.28
N CYS A 51 -5.76 10.06 7.05
CA CYS A 51 -5.55 8.62 6.85
C CYS A 51 -6.04 8.17 5.48
N SER A 52 -6.32 9.12 4.60
CA SER A 52 -6.82 8.84 3.26
C SER A 52 -5.78 9.13 2.17
N ALA A 53 -4.53 9.29 2.55
CA ALA A 53 -3.49 9.60 1.58
C ALA A 53 -3.27 8.51 0.54
N ARG A 54 -3.13 8.93 -0.71
CA ARG A 54 -2.88 8.03 -1.85
C ARG A 54 -1.69 8.58 -2.62
N GLU A 55 -0.98 7.69 -3.30
CA GLU A 55 0.18 8.09 -4.09
C GLU A 55 -0.20 9.21 -5.06
N GLU A 56 -1.35 9.02 -5.71
CA GLU A 56 -1.88 9.96 -6.68
C GLU A 56 -1.97 11.40 -6.18
N ASP A 57 -2.28 11.60 -4.90
CA ASP A 57 -2.39 12.94 -4.35
C ASP A 57 -1.10 13.72 -4.54
N TYR A 58 -0.02 13.03 -4.85
CA TYR A 58 1.27 13.69 -5.04
C TYR A 58 1.73 13.79 -6.49
N ASP A 59 0.88 13.40 -7.44
CA ASP A 59 1.26 13.47 -8.85
C ASP A 59 1.85 14.84 -9.17
N LEU A 60 1.03 15.88 -9.03
CA LEU A 60 1.46 17.24 -9.32
C LEU A 60 2.82 17.50 -8.69
N LEU A 61 2.96 17.19 -7.40
CA LEU A 61 4.21 17.42 -6.70
C LEU A 61 5.39 16.62 -7.26
N MET A 62 5.17 15.36 -7.63
CA MET A 62 6.24 14.54 -8.18
C MET A 62 6.63 15.00 -9.57
N LYS A 63 5.70 15.67 -10.24
CA LYS A 63 5.91 16.18 -11.58
C LYS A 63 6.73 17.46 -11.52
N LEU A 64 6.38 18.36 -10.62
CA LEU A 64 7.09 19.63 -10.49
C LEU A 64 8.44 19.49 -9.79
N GLY A 65 8.66 18.36 -9.12
CA GLY A 65 9.91 18.17 -8.41
C GLY A 65 10.79 17.06 -8.95
N HIS A 66 10.41 16.50 -10.10
CA HIS A 66 11.19 15.42 -10.67
C HIS A 66 12.61 15.88 -11.02
N GLN A 67 13.56 14.96 -10.88
CA GLN A 67 14.95 15.24 -11.18
C GLN A 67 15.69 13.91 -11.28
N THR A 68 16.33 13.64 -12.42
CA THR A 68 17.06 12.38 -12.54
C THR A 68 18.54 12.62 -12.24
N VAL A 69 19.02 11.91 -11.23
CA VAL A 69 20.40 12.01 -10.79
C VAL A 69 21.37 11.27 -11.72
N PRO A 70 22.65 11.66 -11.71
CA PRO A 70 23.66 11.02 -12.55
C PRO A 70 23.74 9.53 -12.29
N CYS A 71 24.03 8.76 -13.31
CA CYS A 71 24.16 7.33 -13.16
C CYS A 71 25.38 7.08 -12.27
N ASP A 72 25.39 5.92 -11.60
CA ASP A 72 26.50 5.56 -10.73
C ASP A 72 26.52 6.39 -9.46
N LYS A 73 25.68 7.40 -9.39
CA LYS A 73 25.63 8.28 -8.23
C LYS A 73 24.57 7.93 -7.18
N THR A 74 23.56 7.16 -7.57
CA THR A 74 22.50 6.76 -6.66
C THR A 74 22.98 5.89 -5.50
N VAL A 75 22.74 6.37 -4.29
CA VAL A 75 23.14 5.67 -3.08
C VAL A 75 21.99 5.48 -2.11
N PHE A 76 21.97 4.32 -1.45
CA PHE A 76 20.94 3.97 -0.48
C PHE A 76 21.58 3.66 0.87
N TRP A 77 20.89 4.03 1.94
CA TRP A 77 21.35 3.77 3.29
C TRP A 77 20.20 3.08 4.00
N SER A 78 20.43 1.90 4.55
CA SER A 78 19.34 1.21 5.23
C SER A 78 19.63 1.03 6.70
N LYS A 79 18.98 1.87 7.51
CA LYS A 79 19.10 1.86 8.96
C LYS A 79 20.49 2.21 9.49
N THR A 80 21.33 2.75 8.63
CA THR A 80 22.68 3.16 9.01
C THR A 80 22.65 4.68 8.96
N LYS A 81 21.43 5.18 8.72
CA LYS A 81 21.14 6.60 8.63
C LYS A 81 21.87 7.38 9.73
N GLU A 82 21.71 6.94 10.97
CA GLU A 82 22.36 7.59 12.11
C GLU A 82 23.88 7.74 11.92
N LYS A 92 30.30 12.51 -1.36
CA LYS A 92 30.30 13.87 -1.89
C LYS A 92 30.05 13.88 -3.39
N GLY A 93 29.06 14.67 -3.82
CA GLY A 93 28.71 14.72 -5.24
C GLY A 93 27.99 13.40 -5.52
N LEU A 94 27.38 12.86 -4.49
CA LEU A 94 26.66 11.59 -4.59
C LEU A 94 25.24 11.75 -4.04
N PHE A 95 24.25 11.22 -4.75
CA PHE A 95 22.87 11.38 -4.36
C PHE A 95 22.16 10.30 -3.55
N THR A 96 21.77 10.65 -2.32
CA THR A 96 20.99 9.75 -1.47
C THR A 96 19.60 10.38 -1.60
N LEU A 97 18.54 9.68 -1.20
CA LEU A 97 17.20 10.26 -1.34
C LEU A 97 17.09 11.67 -0.75
N GLU A 98 17.73 11.90 0.39
CA GLU A 98 17.67 13.21 1.04
C GLU A 98 18.47 14.31 0.34
N ASN A 99 19.24 13.95 -0.69
CA ASN A 99 20.01 14.97 -1.41
C ASN A 99 19.29 15.45 -2.66
N THR A 100 18.15 14.85 -2.96
CA THR A 100 17.36 15.25 -4.12
C THR A 100 16.50 16.43 -3.68
N LEU A 101 15.95 17.16 -4.63
CA LEU A 101 15.10 18.31 -4.35
C LEU A 101 13.98 18.00 -3.34
N LEU A 102 13.10 17.07 -3.69
CA LEU A 102 12.00 16.71 -2.81
C LEU A 102 12.39 16.11 -1.47
N GLY A 103 13.37 15.21 -1.47
CA GLY A 103 13.78 14.60 -0.22
C GLY A 103 14.48 15.63 0.65
N TYR A 104 15.05 16.64 0.00
CA TYR A 104 15.77 17.69 0.69
C TYR A 104 14.90 18.64 1.49
N ILE A 105 13.82 19.12 0.89
CA ILE A 105 12.94 20.04 1.58
C ILE A 105 12.03 19.37 2.61
N ALA A 106 11.61 18.14 2.33
CA ALA A 106 10.72 17.42 3.24
C ALA A 106 11.45 16.76 4.42
N ASP A 107 12.73 16.48 4.24
CA ASP A 107 13.53 15.82 5.25
C ASP A 107 13.28 16.27 6.70
N ASP A 108 13.05 15.29 7.57
CA ASP A 108 12.79 15.50 9.00
C ASP A 108 11.49 16.19 9.37
N LEU A 109 10.71 16.61 8.40
CA LEU A 109 9.46 17.30 8.69
C LEU A 109 8.27 16.38 8.95
N SER A 110 7.22 16.95 9.55
CA SER A 110 5.99 16.22 9.83
C SER A 110 4.81 17.03 9.33
N TRP A 111 3.86 16.38 8.66
CA TRP A 111 2.71 17.10 8.14
C TRP A 111 1.46 16.24 7.98
N CYS A 112 0.31 16.89 8.10
CA CYS A 112 -0.99 16.27 7.93
C CYS A 112 -2.06 17.32 8.06
N GLY A 113 -3.12 17.16 7.28
CA GLY A 113 -4.21 18.11 7.32
C GLY A 113 -5.34 17.66 8.21
N LYS A 114 -6.51 18.22 7.96
CA LYS A 114 -7.68 17.91 8.75
C LYS A 114 -8.93 18.36 7.98
N VAL A 115 -9.93 17.48 7.91
CA VAL A 115 -11.17 17.81 7.20
C VAL A 115 -11.81 19.03 7.83
N GLY A 116 -12.13 20.02 7.00
CA GLY A 116 -12.74 21.24 7.50
C GLY A 116 -11.73 22.30 7.86
N SER A 117 -10.46 21.95 7.87
CA SER A 117 -9.41 22.90 8.22
C SER A 117 -8.58 23.33 7.03
N SER A 118 -8.34 24.63 6.93
CA SER A 118 -7.56 25.18 5.83
C SER A 118 -6.09 25.27 6.24
N GLU A 119 -5.74 24.65 7.37
CA GLU A 119 -4.37 24.68 7.86
C GLU A 119 -3.86 23.29 8.28
N ILE A 120 -2.60 23.25 8.69
CA ILE A 120 -1.95 22.03 9.13
C ILE A 120 -2.38 21.70 10.56
N ASN A 121 -2.20 20.46 10.99
CA ASN A 121 -2.55 20.06 12.35
C ASN A 121 -1.26 19.92 13.14
N LEU A 122 -1.04 20.84 14.07
CA LEU A 122 0.17 20.83 14.88
C LEU A 122 0.06 19.87 16.05
N GLU A 123 -1.17 19.58 16.43
CA GLU A 123 -1.46 18.68 17.55
C GLU A 123 -0.82 17.30 17.38
N SER A 124 -1.23 16.58 16.34
CA SER A 124 -0.70 15.23 16.10
C SER A 124 -1.06 14.75 14.72
N CYS A 125 -0.32 13.77 14.23
CA CYS A 125 -0.55 13.19 12.91
C CYS A 125 -0.46 11.68 13.05
N PRO A 126 -1.27 10.94 12.29
CA PRO A 126 -1.20 9.48 12.40
C PRO A 126 0.12 9.01 11.82
N ASP A 127 0.81 8.09 12.52
CA ASP A 127 2.07 7.57 12.00
C ASP A 127 1.75 6.26 11.30
N ARG A 128 2.76 5.60 10.74
CA ARG A 128 2.53 4.38 9.98
C ARG A 128 1.70 3.31 10.71
N ARG A 129 1.91 3.17 12.02
CA ARG A 129 1.18 2.21 12.81
C ARG A 129 -0.24 2.63 13.11
N ASN A 130 -0.51 3.94 13.02
CA ASN A 130 -1.87 4.43 13.23
C ASN A 130 -2.63 4.13 11.96
N CYS A 131 -1.99 4.38 10.83
CA CYS A 131 -2.56 4.11 9.53
C CYS A 131 -1.47 4.28 8.48
N ASN A 132 -1.26 3.23 7.70
CA ASN A 132 -0.25 3.21 6.66
C ASN A 132 -0.42 4.32 5.63
N SER A 133 -1.67 4.61 5.29
CA SER A 133 -1.98 5.65 4.32
C SER A 133 -2.07 7.06 4.93
N ASN A 134 -1.01 7.47 5.60
CA ASN A 134 -0.93 8.81 6.18
C ASN A 134 -0.03 9.58 5.21
N PHE A 135 -0.17 10.89 5.14
CA PHE A 135 0.60 11.67 4.18
C PHE A 135 2.12 11.70 4.25
N VAL A 136 2.73 11.44 5.41
CA VAL A 136 4.17 11.42 5.50
C VAL A 136 4.75 10.13 4.92
N SER A 137 4.15 9.00 5.29
CA SER A 137 4.61 7.72 4.83
C SER A 137 4.40 7.53 3.33
N VAL A 138 3.23 7.92 2.84
CA VAL A 138 2.96 7.77 1.43
C VAL A 138 3.95 8.58 0.63
N PHE A 139 4.23 9.78 1.10
CA PHE A 139 5.19 10.63 0.44
C PHE A 139 6.53 9.90 0.32
N TRP A 140 7.14 9.65 1.47
CA TRP A 140 8.44 8.98 1.50
C TRP A 140 8.45 7.65 0.77
N ASN A 141 7.34 6.92 0.83
CA ASN A 141 7.24 5.63 0.14
C ASN A 141 7.30 5.83 -1.35
N LEU A 142 6.62 6.87 -1.84
CA LEU A 142 6.60 7.17 -3.27
C LEU A 142 7.95 7.75 -3.76
N LEU A 143 8.54 8.63 -2.96
CA LEU A 143 9.80 9.25 -3.32
C LEU A 143 10.86 8.17 -3.51
N SER A 144 10.88 7.22 -2.58
CA SER A 144 11.83 6.13 -2.63
C SER A 144 11.60 5.29 -3.87
N LYS A 145 10.34 4.96 -4.15
CA LYS A 145 10.01 4.17 -5.32
C LYS A 145 10.52 4.86 -6.58
N ARG A 146 10.23 6.15 -6.72
CA ARG A 146 10.67 6.92 -7.89
C ARG A 146 12.20 6.94 -7.96
N PHE A 147 12.84 7.24 -6.84
CA PHE A 147 14.30 7.31 -6.77
C PHE A 147 14.93 6.01 -7.27
N ALA A 148 14.34 4.88 -6.91
CA ALA A 148 14.88 3.59 -7.33
C ALA A 148 14.62 3.32 -8.80
N GLU A 149 13.45 3.72 -9.29
CA GLU A 149 13.10 3.52 -10.68
C GLU A 149 13.98 4.33 -11.64
N ASN A 150 14.43 5.49 -11.20
CA ASN A 150 15.27 6.35 -12.04
C ASN A 150 16.76 6.10 -11.87
N ALA A 151 17.11 5.06 -11.12
CA ALA A 151 18.52 4.74 -10.92
C ALA A 151 19.08 4.10 -12.18
N CYS A 152 20.31 4.47 -12.53
CA CYS A 152 20.98 3.92 -13.70
C CYS A 152 22.44 3.65 -13.41
N GLY A 153 23.01 2.69 -14.13
CA GLY A 153 24.40 2.33 -13.97
C GLY A 153 24.63 1.46 -12.73
N MET A 154 25.53 1.90 -11.88
CA MET A 154 25.84 1.18 -10.67
C MET A 154 25.24 1.88 -9.46
N VAL A 155 24.52 1.14 -8.64
CA VAL A 155 23.91 1.69 -7.44
C VAL A 155 24.59 1.12 -6.20
N GLN A 156 24.52 1.86 -5.11
CA GLN A 156 25.15 1.45 -3.87
C GLN A 156 24.16 1.50 -2.70
N VAL A 157 24.45 0.71 -1.68
CA VAL A 157 23.63 0.70 -0.48
C VAL A 157 24.54 0.45 0.70
N PHE A 158 24.40 1.25 1.75
CA PHE A 158 25.23 1.08 2.94
C PHE A 158 24.41 0.40 4.04
N LEU A 159 24.98 -0.65 4.62
CA LEU A 159 24.31 -1.40 5.66
C LEU A 159 25.16 -1.42 6.91
N ASN A 160 24.52 -1.71 8.03
CA ASN A 160 25.17 -1.75 9.34
C ASN A 160 25.59 -3.13 9.80
N GLY A 161 26.89 -3.38 9.79
CA GLY A 161 27.40 -4.67 10.20
C GLY A 161 27.30 -4.92 11.70
N SER A 162 26.91 -3.90 12.47
CA SER A 162 26.82 -4.08 13.91
C SER A 162 25.47 -4.64 14.36
N ILE A 163 24.54 -4.83 13.43
CA ILE A 163 23.25 -5.40 13.79
C ILE A 163 23.12 -6.78 13.16
N SER A 164 22.33 -7.64 13.79
CA SER A 164 22.13 -9.02 13.33
C SER A 164 21.77 -9.21 11.86
N ASN A 165 20.88 -8.36 11.35
CA ASN A 165 20.44 -8.46 9.97
C ASN A 165 20.52 -7.13 9.23
N ALA A 166 21.72 -6.82 8.75
CA ALA A 166 21.96 -5.57 8.03
C ALA A 166 20.95 -5.33 6.92
N PHE A 167 20.54 -6.38 6.22
CA PHE A 167 19.56 -6.24 5.16
C PHE A 167 18.21 -6.70 5.65
N ASP A 168 17.28 -5.76 5.79
CA ASP A 168 15.96 -6.06 6.30
C ASP A 168 14.90 -6.10 5.18
N LYS A 169 14.20 -7.21 5.04
CA LYS A 169 13.16 -7.35 4.02
C LYS A 169 11.92 -6.53 4.32
N THR A 170 11.81 -5.97 5.53
CA THR A 170 10.65 -5.17 5.88
C THR A 170 10.94 -3.66 5.84
N SER A 171 12.20 -3.28 5.63
CA SER A 171 12.57 -1.86 5.57
C SER A 171 12.16 -1.30 4.21
N THR A 172 12.25 0.00 4.05
CA THR A 172 11.89 0.63 2.77
C THR A 172 12.78 0.10 1.66
N PHE A 173 14.07 0.00 1.97
CA PHE A 173 15.03 -0.50 0.99
C PHE A 173 14.72 -1.93 0.55
N GLY A 174 14.54 -2.83 1.52
CA GLY A 174 14.31 -4.22 1.19
C GLY A 174 12.95 -4.60 0.66
N ARG A 175 11.92 -3.83 1.01
CA ARG A 175 10.58 -4.17 0.55
C ARG A 175 10.15 -3.29 -0.63
N VAL A 176 10.72 -2.09 -0.72
CA VAL A 176 10.36 -1.19 -1.80
C VAL A 176 11.47 -0.91 -2.82
N GLU A 177 12.49 -0.17 -2.40
CA GLU A 177 13.58 0.22 -3.28
C GLU A 177 14.25 -0.87 -4.09
N VAL A 178 14.81 -1.90 -3.46
CA VAL A 178 15.48 -2.96 -4.22
C VAL A 178 14.64 -3.50 -5.38
N HIS A 179 13.34 -3.69 -5.15
CA HIS A 179 12.44 -4.22 -6.18
C HIS A 179 12.11 -3.22 -7.27
N SER A 180 12.29 -1.93 -7.00
CA SER A 180 11.99 -0.92 -8.00
C SER A 180 13.17 -0.60 -8.91
N LEU A 181 14.30 -1.26 -8.70
CA LEU A 181 15.47 -1.02 -9.54
C LEU A 181 15.18 -1.60 -10.93
N GLN A 182 15.47 -0.84 -11.97
CA GLN A 182 15.23 -1.28 -13.35
C GLN A 182 16.44 -2.02 -13.90
N PRO A 183 16.32 -3.33 -14.13
CA PRO A 183 17.42 -4.14 -14.67
C PRO A 183 17.97 -3.54 -15.96
N SER A 184 17.08 -2.98 -16.76
CA SER A 184 17.43 -2.38 -18.03
C SER A 184 18.28 -1.11 -17.90
N LYS A 185 18.32 -0.56 -16.69
CA LYS A 185 19.07 0.66 -16.42
C LYS A 185 20.17 0.45 -15.37
N VAL A 186 19.93 -0.47 -14.44
CA VAL A 186 20.90 -0.76 -13.40
C VAL A 186 21.49 -2.15 -13.64
N HIS A 187 22.82 -2.21 -13.79
CA HIS A 187 23.49 -3.47 -14.05
C HIS A 187 24.16 -4.05 -12.81
N THR A 188 24.57 -3.18 -11.90
CA THR A 188 25.26 -3.66 -10.70
C THR A 188 24.79 -2.93 -9.46
N LEU A 189 24.73 -3.67 -8.36
CA LEU A 189 24.38 -3.09 -7.07
C LEU A 189 25.50 -3.51 -6.14
N LYS A 190 26.13 -2.54 -5.51
CA LYS A 190 27.22 -2.84 -4.58
C LYS A 190 26.78 -2.54 -3.17
N ALA A 191 27.02 -3.47 -2.26
CA ALA A 191 26.64 -3.26 -0.88
C ALA A 191 27.88 -3.12 -0.02
N TRP A 192 27.82 -2.19 0.93
CA TRP A 192 28.94 -1.97 1.85
C TRP A 192 28.43 -2.21 3.26
N VAL A 193 29.04 -3.17 3.95
CA VAL A 193 28.65 -3.45 5.33
C VAL A 193 29.70 -2.78 6.21
N ILE A 194 29.25 -1.82 7.00
CA ILE A 194 30.15 -1.06 7.87
C ILE A 194 30.35 -1.73 9.22
N HIS A 195 31.60 -1.85 9.61
CA HIS A 195 31.96 -2.45 10.89
C HIS A 195 32.76 -1.48 11.75
N ASP A 196 32.51 -1.51 13.04
CA ASP A 196 33.22 -0.67 13.99
C ASP A 196 34.46 -1.42 14.46
N SER A 197 35.63 -0.82 14.35
CA SER A 197 36.85 -1.48 14.79
C SER A 197 36.68 -1.84 16.27
N GLY A 198 35.71 -1.21 16.92
CA GLY A 198 35.46 -1.43 18.33
C GLY A 198 34.75 -2.73 18.71
N LYS A 199 34.01 -3.32 17.78
CA LYS A 199 33.29 -4.56 18.11
C LYS A 199 33.34 -5.55 16.95
N THR A 200 33.01 -6.81 17.26
CA THR A 200 33.00 -7.87 16.26
C THR A 200 31.74 -7.76 15.41
N PRO A 201 31.79 -8.26 14.17
CA PRO A 201 30.60 -8.18 13.30
C PRO A 201 29.42 -9.04 13.73
N ARG A 202 28.26 -8.41 13.85
CA ARG A 202 27.02 -9.09 14.19
C ARG A 202 26.49 -9.72 12.90
N ASP A 203 26.83 -9.08 11.78
CA ASP A 203 26.41 -9.55 10.47
C ASP A 203 27.51 -9.19 9.48
N THR A 204 27.76 -10.06 8.52
CA THR A 204 28.81 -9.82 7.54
C THR A 204 28.28 -10.12 6.14
N CYS A 205 29.14 -9.90 5.15
CA CYS A 205 28.79 -10.16 3.76
C CYS A 205 28.49 -11.64 3.54
N SER A 206 28.94 -12.48 4.45
CA SER A 206 28.74 -13.92 4.36
C SER A 206 27.49 -14.38 5.10
N GLY A 207 26.71 -13.43 5.59
CA GLY A 207 25.50 -13.79 6.32
C GLY A 207 24.30 -14.09 5.46
N SER A 208 23.29 -14.70 6.08
CA SER A 208 22.08 -15.05 5.35
C SER A 208 21.28 -13.81 4.95
N SER A 209 21.40 -12.75 5.73
CA SER A 209 20.68 -11.51 5.44
C SER A 209 21.09 -10.94 4.08
N ILE A 210 22.40 -10.84 3.87
CA ILE A 210 22.91 -10.31 2.61
C ILE A 210 22.66 -11.27 1.47
N ASN A 211 22.56 -12.56 1.79
CA ASN A 211 22.29 -13.55 0.77
C ASN A 211 20.85 -13.35 0.29
N GLU A 212 19.98 -12.86 1.17
CA GLU A 212 18.60 -12.62 0.78
C GLU A 212 18.57 -11.52 -0.26
N LEU A 213 19.44 -10.52 -0.08
CA LEU A 213 19.52 -9.40 -1.01
C LEU A 213 20.08 -9.88 -2.33
N GLN A 214 21.13 -10.68 -2.26
CA GLN A 214 21.76 -11.22 -3.46
C GLN A 214 20.75 -12.01 -4.32
N LEU A 215 19.97 -12.89 -3.71
CA LEU A 215 19.00 -13.67 -4.46
C LEU A 215 17.99 -12.77 -5.16
N ILE A 216 17.60 -11.69 -4.49
CA ILE A 216 16.67 -10.76 -5.11
C ILE A 216 17.28 -10.24 -6.42
N LEU A 217 18.53 -9.80 -6.34
CA LEU A 217 19.24 -9.25 -7.48
C LEU A 217 19.58 -10.24 -8.59
N ARG A 218 20.00 -11.45 -8.23
CA ARG A 218 20.33 -12.45 -9.24
C ARG A 218 19.08 -12.91 -9.99
N GLY A 219 17.92 -12.72 -9.38
CA GLY A 219 16.68 -13.12 -10.03
C GLY A 219 16.47 -12.30 -11.28
N LYS A 220 16.99 -11.06 -11.25
CA LYS A 220 16.89 -10.13 -12.36
C LYS A 220 18.21 -10.04 -13.14
N ASN A 221 19.10 -11.00 -12.91
CA ASN A 221 20.39 -11.00 -13.59
C ASN A 221 21.24 -9.76 -13.29
N ILE A 222 20.83 -8.99 -12.29
CA ILE A 222 21.59 -7.81 -11.91
C ILE A 222 22.80 -8.23 -11.07
N LYS A 223 23.97 -7.77 -11.46
CA LYS A 223 25.20 -8.10 -10.75
C LYS A 223 25.17 -7.53 -9.33
N PHE A 224 25.78 -8.26 -8.41
CA PHE A 224 25.84 -7.89 -7.00
C PHE A 224 27.21 -8.16 -6.41
N THR A 225 27.63 -7.28 -5.51
CA THR A 225 28.91 -7.43 -4.83
C THR A 225 28.73 -6.88 -3.43
N CYS A 226 29.45 -7.43 -2.47
CA CYS A 226 29.38 -6.99 -1.09
C CYS A 226 30.81 -6.88 -0.53
N GLN A 227 31.08 -5.80 0.18
CA GLN A 227 32.38 -5.56 0.75
C GLN A 227 32.19 -5.04 2.16
N GLU A 228 33.18 -5.28 3.00
CA GLU A 228 33.12 -4.86 4.39
C GLU A 228 34.15 -3.75 4.67
N ASN A 229 33.71 -2.72 5.39
CA ASN A 229 34.56 -1.58 5.72
C ASN A 229 34.38 -1.06 7.14
N TYR A 230 35.49 -0.61 7.74
CA TYR A 230 35.46 -0.04 9.09
C TYR A 230 35.25 1.46 8.88
N ARG A 231 36.35 2.13 8.54
CA ARG A 231 36.36 3.57 8.27
C ARG A 231 35.99 4.42 9.50
N TRP B 1 3.09 -10.65 18.27
CA TRP B 1 2.32 -9.65 17.47
C TRP B 1 0.92 -9.49 18.04
N ASN B 2 0.19 -8.51 17.54
CA ASN B 2 -1.16 -8.25 18.03
C ASN B 2 -2.28 -8.97 17.29
N GLY B 3 -2.03 -9.34 16.04
CA GLY B 3 -3.06 -10.02 15.28
C GLY B 3 -3.22 -11.46 15.69
N LYS B 4 -4.38 -12.03 15.35
CA LYS B 4 -4.65 -13.42 15.65
C LYS B 4 -3.59 -14.30 14.98
N GLY B 5 -3.33 -15.45 15.59
CA GLY B 5 -2.37 -16.39 15.04
C GLY B 5 -3.06 -17.11 13.91
N SER B 6 -2.28 -17.82 13.11
CA SER B 6 -2.81 -18.56 11.97
C SER B 6 -3.92 -19.51 12.38
N THR B 7 -5.01 -19.51 11.62
CA THR B 7 -6.14 -20.40 11.89
C THR B 7 -5.63 -21.84 11.99
N VAL B 8 -6.01 -22.54 13.06
CA VAL B 8 -5.61 -23.93 13.24
C VAL B 8 -6.16 -24.72 12.05
N ASP B 9 -5.34 -25.61 11.49
CA ASP B 9 -5.75 -26.41 10.34
C ASP B 9 -5.97 -25.58 9.08
N PHE B 10 -5.32 -24.42 9.02
CA PHE B 10 -5.47 -23.52 7.87
C PHE B 10 -5.50 -24.18 6.50
N GLN B 11 -4.44 -24.90 6.13
CA GLN B 11 -4.41 -25.49 4.81
C GLN B 11 -5.50 -26.53 4.60
N GLU B 12 -5.89 -27.21 5.67
CA GLU B 12 -6.93 -28.20 5.56
C GLU B 12 -8.24 -27.48 5.29
N ILE B 13 -8.41 -26.32 5.91
CA ILE B 13 -9.62 -25.55 5.72
C ILE B 13 -9.78 -24.93 4.33
N ILE B 14 -8.74 -24.27 3.83
CA ILE B 14 -8.85 -23.66 2.51
C ILE B 14 -9.06 -24.72 1.42
N LEU B 15 -8.57 -25.94 1.66
CA LEU B 15 -8.73 -27.00 0.66
C LEU B 15 -10.18 -27.50 0.60
N ARG B 16 -10.79 -27.70 1.77
CA ARG B 16 -12.15 -28.18 1.83
C ARG B 16 -13.10 -27.10 1.29
N ARG B 17 -12.72 -25.84 1.47
CA ARG B 17 -13.55 -24.73 0.99
C ARG B 17 -13.43 -24.58 -0.52
N CYS B 18 -12.23 -24.78 -1.03
CA CYS B 18 -11.98 -24.68 -2.45
C CYS B 18 -12.84 -25.72 -3.17
N TYR B 19 -12.84 -26.95 -2.65
CA TYR B 19 -13.64 -28.01 -3.26
C TYR B 19 -15.12 -27.72 -3.18
N THR B 20 -15.59 -27.28 -2.01
CA THR B 20 -16.99 -26.98 -1.84
C THR B 20 -17.41 -25.90 -2.84
N TYR B 21 -16.53 -24.92 -3.04
CA TYR B 21 -16.81 -23.83 -3.96
C TYR B 21 -16.94 -24.29 -5.40
N ILE B 22 -16.02 -25.15 -5.86
CA ILE B 22 -16.07 -25.60 -7.25
C ILE B 22 -16.97 -26.80 -7.49
N ARG B 23 -17.65 -27.28 -6.45
CA ARG B 23 -18.54 -28.41 -6.62
C ARG B 23 -19.97 -27.96 -6.43
N VAL B 24 -20.18 -27.18 -5.36
CA VAL B 24 -21.52 -26.70 -5.02
C VAL B 24 -21.82 -25.26 -5.41
N VAL B 25 -21.04 -24.32 -4.88
CA VAL B 25 -21.26 -22.90 -5.13
C VAL B 25 -21.20 -22.44 -6.59
N GLN B 26 -20.06 -22.66 -7.24
CA GLN B 26 -19.91 -22.26 -8.63
C GLN B 26 -19.32 -23.38 -9.49
N PRO B 27 -20.14 -24.37 -9.87
CA PRO B 27 -19.75 -25.51 -10.69
C PRO B 27 -18.97 -25.16 -11.96
N GLU B 28 -19.21 -23.97 -12.49
CA GLU B 28 -18.51 -23.55 -13.70
C GLU B 28 -17.00 -23.54 -13.48
N LEU B 29 -16.60 -23.56 -12.20
CA LEU B 29 -15.20 -23.55 -11.79
C LEU B 29 -14.69 -24.97 -11.50
N GLY B 30 -15.46 -25.98 -11.88
CA GLY B 30 -15.06 -27.35 -11.63
C GLY B 30 -13.73 -27.73 -12.25
N ASP B 31 -13.23 -26.90 -13.16
CA ASP B 31 -11.97 -27.15 -13.84
C ASP B 31 -10.74 -26.91 -12.97
N ARG B 32 -10.82 -25.93 -12.08
CA ARG B 32 -9.70 -25.57 -11.20
C ARG B 32 -9.10 -26.72 -10.40
N ASP B 33 -7.82 -26.61 -10.09
CA ASP B 33 -7.10 -27.62 -9.32
C ASP B 33 -6.91 -27.11 -7.89
N CYS B 34 -7.80 -27.52 -6.99
CA CYS B 34 -7.76 -27.08 -5.61
C CYS B 34 -6.50 -27.41 -4.86
N GLN B 35 -5.82 -28.48 -5.25
CA GLN B 35 -4.59 -28.83 -4.56
C GLN B 35 -3.50 -27.83 -4.95
N LYS B 36 -3.48 -27.44 -6.22
CA LYS B 36 -2.48 -26.48 -6.69
C LYS B 36 -2.74 -25.10 -6.09
N ILE B 37 -4.01 -24.84 -5.78
CA ILE B 37 -4.39 -23.57 -5.19
C ILE B 37 -3.94 -23.52 -3.74
N LYS B 38 -4.15 -24.62 -3.03
CA LYS B 38 -3.77 -24.73 -1.63
C LYS B 38 -2.27 -24.63 -1.43
N LYS B 39 -1.54 -25.13 -2.41
CA LYS B 39 -0.09 -25.12 -2.37
C LYS B 39 0.42 -23.72 -2.67
N ALA B 40 -0.22 -23.06 -3.61
CA ALA B 40 0.17 -21.70 -3.98
C ALA B 40 -0.07 -20.71 -2.84
N PHE B 41 -1.20 -20.88 -2.15
CA PHE B 41 -1.53 -20.00 -1.05
C PHE B 41 -0.46 -20.15 0.02
N THR B 42 -0.16 -21.39 0.37
CA THR B 42 0.84 -21.72 1.38
C THR B 42 2.24 -21.19 1.03
N ASP B 43 2.69 -21.45 -0.19
CA ASP B 43 4.02 -21.03 -0.63
C ASP B 43 4.22 -19.53 -0.65
N ALA B 44 3.13 -18.79 -0.76
CA ALA B 44 3.22 -17.34 -0.79
C ALA B 44 3.79 -16.78 0.52
N PHE B 45 3.46 -17.40 1.66
CA PHE B 45 3.91 -16.87 2.93
C PHE B 45 4.76 -17.76 3.84
N ILE B 46 4.61 -19.08 3.73
CA ILE B 46 5.37 -20.01 4.57
C ILE B 46 6.87 -19.74 4.57
N SER B 47 7.45 -19.74 5.77
CA SER B 47 8.88 -19.51 5.96
C SER B 47 9.39 -18.10 5.63
N LYS B 48 8.49 -17.14 5.46
CA LYS B 48 8.88 -15.76 5.14
C LYS B 48 8.60 -14.84 6.33
N ASP B 49 9.42 -13.79 6.47
CA ASP B 49 9.23 -12.83 7.55
C ASP B 49 7.79 -12.35 7.42
N PRO B 50 7.00 -12.42 8.51
CA PRO B 50 5.60 -12.00 8.44
C PRO B 50 5.32 -10.54 8.09
N CYS B 51 6.35 -9.69 8.08
CA CYS B 51 6.16 -8.29 7.73
C CYS B 51 6.80 -7.92 6.39
N SER B 52 7.22 -8.92 5.62
CA SER B 52 7.87 -8.67 4.32
C SER B 52 6.97 -8.95 3.11
N ALA B 53 5.67 -9.10 3.36
CA ALA B 53 4.70 -9.39 2.31
C ALA B 53 4.58 -8.36 1.18
N ARG B 54 4.57 -8.85 -0.05
CA ARG B 54 4.42 -8.00 -1.22
C ARG B 54 3.37 -8.66 -2.15
N GLU B 55 2.63 -7.86 -2.90
CA GLU B 55 1.61 -8.39 -3.80
C GLU B 55 2.16 -9.44 -4.77
N GLU B 56 3.43 -9.30 -5.14
CA GLU B 56 4.09 -10.22 -6.06
C GLU B 56 4.05 -11.65 -5.51
N ASP B 57 4.19 -11.77 -4.20
CA ASP B 57 4.18 -13.07 -3.55
C ASP B 57 2.94 -13.89 -3.87
N TYR B 58 1.85 -13.21 -4.20
CA TYR B 58 0.61 -13.91 -4.51
C TYR B 58 0.36 -14.11 -6.01
N ASP B 59 1.33 -13.77 -6.86
CA ASP B 59 1.13 -13.92 -8.29
C ASP B 59 0.51 -15.25 -8.72
N LEU B 60 1.09 -16.36 -8.28
CA LEU B 60 0.57 -17.67 -8.66
C LEU B 60 -0.86 -17.90 -8.16
N LEU B 61 -1.13 -17.54 -6.92
CA LEU B 61 -2.46 -17.72 -6.36
C LEU B 61 -3.49 -16.95 -7.18
N MET B 62 -3.19 -15.69 -7.49
CA MET B 62 -4.09 -14.85 -8.26
C MET B 62 -4.38 -15.45 -9.64
N LYS B 63 -3.36 -16.03 -10.26
CA LYS B 63 -3.52 -16.65 -11.57
C LYS B 63 -4.40 -17.88 -11.46
N LEU B 64 -4.02 -18.80 -10.56
CA LEU B 64 -4.78 -20.02 -10.37
C LEU B 64 -6.23 -19.76 -10.00
N GLY B 65 -6.45 -18.78 -9.14
CA GLY B 65 -7.79 -18.46 -8.71
C GLY B 65 -8.49 -17.33 -9.43
N HIS B 66 -7.95 -16.88 -10.56
CA HIS B 66 -8.57 -15.79 -11.30
C HIS B 66 -10.03 -16.14 -11.58
N GLN B 67 -10.89 -15.12 -11.53
CA GLN B 67 -12.31 -15.31 -11.76
C GLN B 67 -12.96 -13.97 -12.07
N THR B 68 -13.89 -13.97 -13.02
CA THR B 68 -14.60 -12.73 -13.36
C THR B 68 -16.10 -12.94 -13.24
N VAL B 69 -16.71 -12.17 -12.36
CA VAL B 69 -18.14 -12.26 -12.14
C VAL B 69 -18.91 -11.55 -13.25
N PRO B 70 -20.20 -11.88 -13.41
CA PRO B 70 -21.05 -11.28 -14.43
C PRO B 70 -21.09 -9.75 -14.37
N CYS B 71 -21.21 -9.10 -15.52
CA CYS B 71 -21.29 -7.65 -15.51
C CYS B 71 -22.63 -7.30 -14.87
N ASP B 72 -22.64 -6.15 -14.17
CA ASP B 72 -23.81 -5.66 -13.46
C ASP B 72 -24.00 -6.40 -12.12
N LYS B 73 -23.12 -7.34 -11.80
CA LYS B 73 -23.31 -8.05 -10.53
C LYS B 73 -22.30 -7.78 -9.43
N THR B 74 -21.27 -7.01 -9.72
CA THR B 74 -20.28 -6.69 -8.70
C THR B 74 -20.86 -5.76 -7.65
N VAL B 75 -20.74 -6.13 -6.39
CA VAL B 75 -21.26 -5.30 -5.30
C VAL B 75 -20.29 -5.08 -4.14
N PHE B 76 -20.43 -3.93 -3.47
CA PHE B 76 -19.59 -3.60 -2.33
C PHE B 76 -20.44 -3.18 -1.14
N TRP B 77 -19.98 -3.54 0.06
CA TRP B 77 -20.66 -3.17 1.29
C TRP B 77 -19.64 -2.43 2.14
N SER B 78 -19.60 -1.11 1.99
CA SER B 78 -18.64 -0.29 2.72
C SER B 78 -19.19 0.16 4.08
N LYS B 79 -18.65 -0.44 5.13
CA LYS B 79 -19.04 -0.15 6.50
C LYS B 79 -20.50 -0.55 6.73
N THR B 80 -20.95 -1.51 5.93
CA THR B 80 -22.32 -2.01 6.01
C THR B 80 -22.29 -3.54 5.96
N LYS B 81 -21.11 -4.12 6.13
CA LYS B 81 -20.97 -5.57 6.07
C LYS B 81 -21.95 -6.28 6.98
N GLU B 82 -22.01 -5.87 8.24
CA GLU B 82 -22.93 -6.50 9.17
C GLU B 82 -24.36 -6.36 8.63
N LEU B 83 -24.67 -5.16 8.15
CA LEU B 83 -25.98 -4.85 7.61
C LEU B 83 -26.40 -5.69 6.41
N ALA B 84 -25.43 -6.25 5.69
CA ALA B 84 -25.73 -7.05 4.50
C ALA B 84 -26.67 -8.22 4.80
N HIS B 85 -26.77 -8.61 6.08
CA HIS B 85 -27.61 -9.73 6.49
C HIS B 85 -29.11 -9.57 6.26
N GLN B 86 -29.61 -8.33 6.33
CA GLN B 86 -31.02 -8.07 6.13
C GLN B 86 -31.35 -7.94 4.64
N TYR B 87 -30.32 -7.90 3.81
CA TYR B 87 -30.49 -7.80 2.38
C TYR B 87 -30.09 -9.09 1.68
N THR B 88 -30.14 -10.20 2.41
CA THR B 88 -29.77 -11.48 1.85
C THR B 88 -30.62 -11.88 0.65
N LYS B 89 -31.94 -11.81 0.79
CA LYS B 89 -32.84 -12.19 -0.31
C LYS B 89 -32.74 -11.27 -1.53
N THR B 90 -32.23 -10.06 -1.32
CA THR B 90 -32.10 -9.11 -2.41
C THR B 90 -30.75 -9.25 -3.13
N GLN B 91 -29.79 -9.87 -2.47
CA GLN B 91 -28.45 -10.04 -3.04
C GLN B 91 -28.20 -11.37 -3.75
N LYS B 92 -29.23 -12.20 -3.91
CA LYS B 92 -29.01 -13.50 -4.53
C LYS B 92 -28.29 -13.53 -5.86
N GLY B 93 -28.44 -12.48 -6.67
CA GLY B 93 -27.75 -12.47 -7.95
C GLY B 93 -26.44 -11.68 -7.96
N LEU B 94 -26.17 -10.94 -6.89
CA LEU B 94 -24.96 -10.12 -6.83
C LEU B 94 -23.73 -10.85 -6.27
N PHE B 95 -22.56 -10.27 -6.49
CA PHE B 95 -21.31 -10.86 -5.99
C PHE B 95 -20.44 -9.88 -5.20
N THR B 96 -20.08 -10.25 -3.99
CA THR B 96 -19.19 -9.42 -3.18
C THR B 96 -17.86 -10.14 -3.33
N LEU B 97 -16.80 -9.55 -2.79
CA LEU B 97 -15.47 -10.14 -2.84
C LEU B 97 -15.49 -11.55 -2.23
N GLU B 98 -16.20 -11.68 -1.12
CA GLU B 98 -16.32 -12.94 -0.41
C GLU B 98 -17.01 -14.08 -1.17
N ASN B 99 -17.69 -13.77 -2.28
CA ASN B 99 -18.39 -14.78 -3.05
C ASN B 99 -17.53 -15.31 -4.19
N THR B 100 -16.31 -14.79 -4.30
CA THR B 100 -15.40 -15.24 -5.34
C THR B 100 -14.67 -16.42 -4.74
N LEU B 101 -14.06 -17.23 -5.59
CA LEU B 101 -13.32 -18.39 -5.14
C LEU B 101 -12.29 -18.01 -4.07
N LEU B 102 -11.36 -17.15 -4.44
CA LEU B 102 -10.33 -16.72 -3.50
C LEU B 102 -10.88 -16.05 -2.24
N GLY B 103 -11.82 -15.13 -2.38
CA GLY B 103 -12.36 -14.46 -1.21
C GLY B 103 -13.13 -15.43 -0.32
N TYR B 104 -13.74 -16.43 -0.95
CA TYR B 104 -14.53 -17.43 -0.24
C TYR B 104 -13.67 -18.38 0.61
N ILE B 105 -12.54 -18.83 0.07
CA ILE B 105 -11.70 -19.75 0.83
C ILE B 105 -10.87 -19.09 1.93
N ALA B 106 -10.56 -17.81 1.78
CA ALA B 106 -9.76 -17.10 2.77
C ALA B 106 -10.58 -16.29 3.77
N ASP B 107 -11.90 -16.26 3.57
CA ASP B 107 -12.79 -15.48 4.43
C ASP B 107 -12.69 -15.77 5.94
N ASP B 108 -12.35 -14.73 6.70
CA ASP B 108 -12.21 -14.80 8.15
C ASP B 108 -11.09 -15.65 8.74
N LEU B 109 -10.15 -16.08 7.91
CA LEU B 109 -9.02 -16.87 8.38
C LEU B 109 -7.86 -15.93 8.64
N SER B 110 -6.84 -16.42 9.36
CA SER B 110 -5.64 -15.65 9.63
C SER B 110 -4.49 -16.56 9.24
N TRP B 111 -3.37 -15.99 8.83
CA TRP B 111 -2.23 -16.80 8.42
C TRP B 111 -0.95 -16.01 8.30
N CYS B 112 0.15 -16.64 8.68
CA CYS B 112 1.46 -16.05 8.57
C CYS B 112 2.50 -17.11 8.82
N GLY B 113 3.70 -16.85 8.32
CA GLY B 113 4.78 -17.79 8.48
C GLY B 113 5.82 -17.22 9.42
N LYS B 114 7.01 -17.78 9.36
CA LYS B 114 8.13 -17.36 10.20
C LYS B 114 9.39 -17.92 9.55
N VAL B 115 10.47 -17.14 9.53
CA VAL B 115 11.71 -17.64 8.90
C VAL B 115 12.23 -18.86 9.66
N GLY B 116 12.74 -19.85 8.93
CA GLY B 116 13.27 -21.03 9.57
C GLY B 116 12.22 -22.04 9.95
N SER B 117 10.96 -21.74 9.63
CA SER B 117 9.87 -22.66 9.96
C SER B 117 9.09 -23.01 8.70
N SER B 118 8.67 -24.26 8.62
CA SER B 118 7.90 -24.71 7.45
C SER B 118 6.44 -24.87 7.86
N GLU B 119 6.08 -24.26 8.98
CA GLU B 119 4.72 -24.37 9.48
C GLU B 119 4.12 -22.99 9.64
N ILE B 120 2.79 -22.94 9.71
CA ILE B 120 2.08 -21.69 9.90
C ILE B 120 2.37 -21.27 11.34
N ASN B 121 2.15 -20.00 11.68
CA ASN B 121 2.39 -19.57 13.05
C ASN B 121 1.06 -19.46 13.76
N LEU B 122 0.83 -20.34 14.72
CA LEU B 122 -0.41 -20.36 15.47
C LEU B 122 -0.49 -19.33 16.62
N GLU B 123 0.65 -18.95 17.19
CA GLU B 123 0.65 -18.01 18.32
C GLU B 123 0.07 -16.63 18.01
N SER B 124 0.66 -15.93 17.04
CA SER B 124 0.16 -14.62 16.66
C SER B 124 0.69 -14.25 15.27
N CYS B 125 0.07 -13.23 14.69
CA CYS B 125 0.47 -12.75 13.37
C CYS B 125 0.38 -11.25 13.44
N PRO B 126 1.27 -10.54 12.72
CA PRO B 126 1.17 -9.09 12.80
C PRO B 126 -0.06 -8.59 12.05
N ASP B 127 -0.75 -7.62 12.63
CA ASP B 127 -1.90 -7.08 11.92
C ASP B 127 -1.46 -5.80 11.22
N ARG B 128 -2.42 -5.19 10.52
CA ARG B 128 -2.21 -3.98 9.76
C ARG B 128 -1.47 -2.91 10.54
N ARG B 129 -1.84 -2.71 11.80
CA ARG B 129 -1.21 -1.70 12.62
C ARG B 129 0.20 -2.10 13.02
N ASN B 130 0.45 -3.40 13.19
CA ASN B 130 1.79 -3.86 13.52
C ASN B 130 2.72 -3.55 12.33
N CYS B 131 2.25 -3.89 11.13
CA CYS B 131 2.98 -3.64 9.90
C CYS B 131 2.01 -3.93 8.77
N ASN B 132 1.77 -2.89 7.97
CA ASN B 132 0.83 -2.98 6.85
C ASN B 132 1.18 -4.07 5.86
N SER B 133 2.47 -4.35 5.70
CA SER B 133 2.89 -5.35 4.75
C SER B 133 2.84 -6.77 5.31
N ASN B 134 1.72 -7.16 5.92
CA ASN B 134 1.59 -8.51 6.45
C ASN B 134 0.81 -9.30 5.42
N PHE B 135 1.01 -10.61 5.39
CA PHE B 135 0.37 -11.44 4.38
C PHE B 135 -1.16 -11.46 4.32
N VAL B 136 -1.84 -11.16 5.42
CA VAL B 136 -3.30 -11.15 5.37
C VAL B 136 -3.80 -9.86 4.71
N SER B 137 -3.23 -8.74 5.13
CA SER B 137 -3.62 -7.44 4.59
C SER B 137 -3.24 -7.31 3.11
N VAL B 138 -2.06 -7.78 2.73
CA VAL B 138 -1.64 -7.67 1.34
C VAL B 138 -2.58 -8.47 0.46
N PHE B 139 -2.98 -9.65 0.96
CA PHE B 139 -3.90 -10.51 0.24
C PHE B 139 -5.21 -9.80 -0.01
N TRP B 140 -5.85 -9.34 1.06
CA TRP B 140 -7.14 -8.68 0.92
C TRP B 140 -7.10 -7.41 0.13
N ASN B 141 -6.04 -6.63 0.34
CA ASN B 141 -5.89 -5.38 -0.40
C ASN B 141 -5.75 -5.70 -1.89
N LEU B 142 -4.90 -6.66 -2.22
CA LEU B 142 -4.69 -7.05 -3.60
C LEU B 142 -5.99 -7.63 -4.17
N LEU B 143 -6.61 -8.53 -3.43
CA LEU B 143 -7.85 -9.14 -3.89
C LEU B 143 -8.92 -8.10 -4.22
N SER B 144 -9.09 -7.12 -3.34
CA SER B 144 -10.08 -6.06 -3.55
C SER B 144 -9.75 -5.24 -4.80
N LYS B 145 -8.48 -4.95 -5.00
CA LYS B 145 -8.08 -4.18 -6.18
C LYS B 145 -8.46 -4.91 -7.47
N ARG B 146 -8.12 -6.19 -7.55
CA ARG B 146 -8.42 -7.00 -8.72
C ARG B 146 -9.93 -7.13 -8.92
N PHE B 147 -10.65 -7.38 -7.83
CA PHE B 147 -12.09 -7.51 -7.89
C PHE B 147 -12.68 -6.26 -8.54
N ALA B 148 -12.19 -5.09 -8.13
CA ALA B 148 -12.68 -3.84 -8.69
C ALA B 148 -12.18 -3.62 -10.12
N GLU B 149 -10.99 -4.10 -10.42
CA GLU B 149 -10.46 -3.93 -11.78
C GLU B 149 -11.18 -4.83 -12.77
N ASN B 150 -11.82 -5.87 -12.27
CA ASN B 150 -12.52 -6.80 -13.14
C ASN B 150 -14.00 -6.47 -13.28
N ALA B 151 -14.50 -5.61 -12.39
CA ALA B 151 -15.90 -5.23 -12.45
C ALA B 151 -16.27 -4.57 -13.79
N CYS B 152 -17.44 -4.94 -14.31
CA CYS B 152 -17.93 -4.38 -15.57
C CYS B 152 -19.40 -4.03 -15.53
N GLY B 153 -19.75 -2.99 -16.30
CA GLY B 153 -21.12 -2.54 -16.37
C GLY B 153 -21.56 -1.62 -15.24
N MET B 154 -22.70 -1.95 -14.65
CA MET B 154 -23.23 -1.16 -13.55
C MET B 154 -22.72 -1.77 -12.25
N VAL B 155 -22.02 -0.96 -11.46
CA VAL B 155 -21.48 -1.42 -10.18
C VAL B 155 -22.22 -0.72 -9.04
N GLN B 156 -22.44 -1.47 -7.95
CA GLN B 156 -23.16 -0.95 -6.80
C GLN B 156 -22.43 -1.00 -5.48
N VAL B 157 -22.72 -0.03 -4.62
CA VAL B 157 -22.13 0.02 -3.28
C VAL B 157 -23.20 0.38 -2.25
N PHE B 158 -23.19 -0.31 -1.12
CA PHE B 158 -24.15 -0.03 -0.07
C PHE B 158 -23.50 0.73 1.07
N LEU B 159 -24.07 1.89 1.39
CA LEU B 159 -23.55 2.73 2.44
C LEU B 159 -24.53 2.86 3.60
N ASN B 160 -24.00 3.18 4.78
CA ASN B 160 -24.82 3.31 5.97
C ASN B 160 -25.29 4.73 6.22
N GLY B 161 -26.60 4.95 6.06
CA GLY B 161 -27.16 6.26 6.27
C GLY B 161 -27.39 6.60 7.73
N SER B 162 -26.91 5.73 8.62
CA SER B 162 -27.07 5.93 10.05
C SER B 162 -25.81 6.50 10.67
N ILE B 163 -24.82 6.82 9.85
CA ILE B 163 -23.59 7.40 10.36
C ILE B 163 -23.31 8.72 9.67
N SER B 164 -22.61 9.61 10.37
CA SER B 164 -22.31 10.93 9.84
C SER B 164 -21.70 10.96 8.45
N ASN B 165 -20.81 10.01 8.15
CA ASN B 165 -20.18 9.98 6.84
C ASN B 165 -20.24 8.61 6.18
N ALA B 166 -21.36 8.32 5.53
CA ALA B 166 -21.56 7.06 4.85
C ALA B 166 -20.38 6.66 3.96
N PHE B 167 -19.76 7.65 3.32
CA PHE B 167 -18.62 7.37 2.45
C PHE B 167 -17.33 7.78 3.17
N ASP B 168 -16.51 6.79 3.48
CA ASP B 168 -15.25 7.00 4.18
C ASP B 168 -14.04 6.77 3.27
N LYS B 169 -13.30 7.83 2.98
CA LYS B 169 -12.12 7.73 2.12
C LYS B 169 -11.04 6.92 2.81
N THR B 170 -11.38 6.44 4.01
CA THR B 170 -10.49 5.64 4.84
C THR B 170 -10.76 4.15 4.68
N SER B 171 -11.98 3.81 4.26
CA SER B 171 -12.36 2.42 4.07
C SER B 171 -11.71 1.84 2.83
N THR B 172 -11.65 0.51 2.78
CA THR B 172 -11.07 -0.18 1.65
C THR B 172 -11.78 0.28 0.37
N PHE B 173 -13.09 0.45 0.45
CA PHE B 173 -13.85 0.88 -0.70
C PHE B 173 -13.45 2.26 -1.20
N GLY B 174 -13.38 3.22 -0.28
CA GLY B 174 -13.04 4.59 -0.65
C GLY B 174 -11.56 4.88 -0.89
N ARG B 175 -10.68 4.05 -0.37
CA ARG B 175 -9.26 4.29 -0.53
C ARG B 175 -8.66 3.39 -1.62
N VAL B 176 -9.27 2.25 -1.86
CA VAL B 176 -8.75 1.31 -2.85
C VAL B 176 -9.68 0.91 -3.99
N GLU B 177 -10.76 0.22 -3.67
CA GLU B 177 -11.69 -0.29 -4.69
C GLU B 177 -12.28 0.73 -5.67
N VAL B 178 -12.81 1.84 -5.16
CA VAL B 178 -13.40 2.84 -6.03
C VAL B 178 -12.40 3.34 -7.08
N HIS B 179 -11.14 3.51 -6.68
CA HIS B 179 -10.12 3.99 -7.61
C HIS B 179 -9.67 2.97 -8.64
N SER B 180 -9.95 1.69 -8.39
CA SER B 180 -9.57 0.64 -9.32
C SER B 180 -10.64 0.31 -10.34
N LEU B 181 -11.82 0.89 -10.18
CA LEU B 181 -12.89 0.66 -11.15
C LEU B 181 -12.40 1.30 -12.44
N GLN B 182 -12.57 0.59 -13.54
CA GLN B 182 -12.11 1.09 -14.83
C GLN B 182 -13.22 1.71 -15.66
N PRO B 183 -13.00 2.92 -16.18
CA PRO B 183 -14.05 3.53 -16.99
C PRO B 183 -14.29 2.78 -18.30
N SER B 184 -13.30 2.03 -18.76
CA SER B 184 -13.49 1.28 -20.00
C SER B 184 -14.27 -0.01 -19.74
N LYS B 185 -14.64 -0.25 -18.49
CA LYS B 185 -15.39 -1.45 -18.12
C LYS B 185 -16.68 -1.09 -17.38
N VAL B 186 -16.57 -0.16 -16.45
CA VAL B 186 -17.70 0.29 -15.63
C VAL B 186 -18.25 1.63 -16.12
N HIS B 187 -19.54 1.66 -16.45
CA HIS B 187 -20.16 2.88 -16.93
C HIS B 187 -20.94 3.59 -15.84
N THR B 188 -21.33 2.85 -14.80
CA THR B 188 -22.13 3.45 -13.72
C THR B 188 -21.82 2.86 -12.36
N LEU B 189 -21.74 3.73 -11.36
CA LEU B 189 -21.57 3.27 -10.00
C LEU B 189 -22.82 3.75 -9.33
N LYS B 190 -23.65 2.82 -8.86
CA LYS B 190 -24.88 3.18 -8.20
C LYS B 190 -24.68 2.95 -6.71
N ALA B 191 -24.84 4.01 -5.92
CA ALA B 191 -24.67 3.93 -4.48
C ALA B 191 -26.01 3.96 -3.76
N TRP B 192 -26.18 3.05 -2.81
CA TRP B 192 -27.40 3.00 -2.03
C TRP B 192 -27.12 3.42 -0.61
N VAL B 193 -27.88 4.39 -0.11
CA VAL B 193 -27.74 4.85 1.27
C VAL B 193 -28.94 4.30 2.03
N ILE B 194 -28.69 3.34 2.92
CA ILE B 194 -29.72 2.67 3.70
C ILE B 194 -30.01 3.36 5.04
N HIS B 195 -31.30 3.60 5.32
CA HIS B 195 -31.74 4.26 6.56
C HIS B 195 -32.65 3.34 7.41
N ASP B 196 -33.01 3.81 8.61
CA ASP B 196 -33.93 3.09 9.47
C ASP B 196 -35.30 3.68 9.17
N SER B 197 -36.37 2.95 9.47
CA SER B 197 -37.73 3.40 9.18
C SER B 197 -38.20 4.66 9.90
N GLY B 198 -38.08 4.66 11.23
CA GLY B 198 -38.51 5.81 12.01
C GLY B 198 -37.36 6.45 12.75
N LYS B 199 -36.32 6.81 12.00
CA LYS B 199 -35.16 7.44 12.61
C LYS B 199 -34.61 8.52 11.68
N THR B 200 -34.23 9.66 12.26
CA THR B 200 -33.69 10.76 11.47
C THR B 200 -32.33 10.33 10.91
N PRO B 201 -32.21 10.24 9.58
CA PRO B 201 -30.96 9.84 8.92
C PRO B 201 -29.78 10.75 9.24
N ARG B 202 -28.62 10.15 9.46
CA ARG B 202 -27.40 10.86 9.80
C ARG B 202 -26.60 11.32 8.58
N ASP B 203 -26.88 10.74 7.43
CA ASP B 203 -26.18 11.12 6.21
C ASP B 203 -27.11 10.83 5.05
N THR B 204 -27.06 11.67 4.03
CA THR B 204 -27.93 11.50 2.86
C THR B 204 -27.17 11.59 1.55
N CYS B 205 -27.89 11.34 0.46
CA CYS B 205 -27.29 11.44 -0.86
C CYS B 205 -26.89 12.89 -1.16
N SER B 206 -27.40 13.82 -0.36
CA SER B 206 -27.09 15.23 -0.58
C SER B 206 -25.98 15.67 0.34
N GLY B 207 -25.55 14.78 1.22
CA GLY B 207 -24.50 15.12 2.16
C GLY B 207 -23.15 15.43 1.55
N SER B 208 -22.21 15.79 2.42
CA SER B 208 -20.86 16.11 2.00
C SER B 208 -20.08 14.86 1.60
N SER B 209 -20.18 13.81 2.39
CA SER B 209 -19.45 12.58 2.12
C SER B 209 -19.82 11.99 0.76
N ILE B 210 -21.11 11.95 0.44
CA ILE B 210 -21.51 11.40 -0.85
C ILE B 210 -20.99 12.22 -2.00
N ASN B 211 -20.86 13.53 -1.80
CA ASN B 211 -20.36 14.36 -2.87
C ASN B 211 -18.90 14.02 -3.13
N GLU B 212 -18.18 13.72 -2.05
CA GLU B 212 -16.77 13.35 -2.12
C GLU B 212 -16.63 12.21 -3.14
N LEU B 213 -17.56 11.25 -3.05
CA LEU B 213 -17.57 10.08 -3.90
C LEU B 213 -17.84 10.38 -5.37
N GLN B 214 -18.88 11.17 -5.64
CA GLN B 214 -19.21 11.48 -7.02
C GLN B 214 -18.08 12.25 -7.69
N LEU B 215 -17.32 13.01 -6.91
CA LEU B 215 -16.19 13.78 -7.48
C LEU B 215 -15.14 12.80 -7.98
N ILE B 216 -14.90 11.76 -7.20
CA ILE B 216 -13.95 10.74 -7.59
C ILE B 216 -14.39 10.11 -8.90
N LEU B 217 -15.65 9.68 -8.94
CA LEU B 217 -16.20 9.04 -10.13
C LEU B 217 -16.22 9.97 -11.33
N ARG B 218 -16.54 11.24 -11.12
CA ARG B 218 -16.56 12.20 -12.21
C ARG B 218 -15.16 12.38 -12.78
N GLY B 219 -14.15 12.34 -11.90
CA GLY B 219 -12.79 12.49 -12.34
C GLY B 219 -12.34 11.29 -13.17
N LYS B 220 -13.01 10.17 -13.01
CA LYS B 220 -12.67 8.96 -13.76
C LYS B 220 -13.63 8.75 -14.92
N ASN B 221 -14.56 9.68 -15.09
CA ASN B 221 -15.56 9.63 -16.15
C ASN B 221 -16.50 8.44 -16.03
N ILE B 222 -16.90 8.13 -14.82
CA ILE B 222 -17.86 7.07 -14.58
C ILE B 222 -19.09 7.75 -14.00
N LYS B 223 -20.23 7.48 -14.62
CA LYS B 223 -21.49 8.05 -14.17
C LYS B 223 -21.74 7.63 -12.72
N PHE B 224 -22.41 8.48 -11.94
CA PHE B 224 -22.71 8.19 -10.54
C PHE B 224 -24.20 8.39 -10.19
N THR B 225 -24.76 7.50 -9.36
CA THR B 225 -26.16 7.59 -8.95
C THR B 225 -26.27 7.27 -7.47
N CYS B 226 -27.24 7.86 -6.80
CA CYS B 226 -27.39 7.64 -5.40
C CYS B 226 -28.85 7.66 -5.04
N GLN B 227 -29.26 6.62 -4.33
CA GLN B 227 -30.64 6.48 -3.87
C GLN B 227 -30.63 6.17 -2.38
N GLU B 228 -31.63 6.69 -1.68
CA GLU B 228 -31.76 6.40 -0.26
C GLU B 228 -32.95 5.46 -0.05
N ASN B 229 -32.76 4.35 0.64
CA ASN B 229 -33.88 3.46 0.88
C ASN B 229 -33.88 2.75 2.24
N TYR B 230 -35.06 2.31 2.67
CA TYR B 230 -35.25 1.64 3.95
C TYR B 230 -34.92 0.16 4.04
N ARG B 231 -34.69 -0.29 5.26
CA ARG B 231 -34.40 -1.69 5.52
C ARG B 231 -35.73 -2.45 5.44
N PRO B 232 -35.73 -3.64 4.84
CA PRO B 232 -36.92 -4.48 4.67
C PRO B 232 -37.93 -4.50 5.83
#